data_9VZI
#
_entry.id   9VZI
#
_cell.length_a   71.403
_cell.length_b   71.403
_cell.length_c   172.706
_cell.angle_alpha   90.00
_cell.angle_beta   90.00
_cell.angle_gamma   90.00
#
_symmetry.space_group_name_H-M   'P 41 2 2'
#
loop_
_entity.id
_entity.type
_entity.pdbx_description
1 polymer 'Needle protein'
2 non-polymer 'IODIDE ION'
3 non-polymer GLYCEROL
4 water water
#
_entity_poly.entity_id   1
_entity_poly.type   'polypeptide(L)'
_entity_poly.pdbx_seq_one_letter_code
;MSLRLDRLQRGVPIVDGQGRPNTQYQNLWQRTVKALEADSAATADILQELADQLALIVAAQAAADAAQATADAALGAAGN
PVLTELITGQNATSNVLRFTLENGASRQFTAQVRAGPLTGNCTQTIQLESRVAGGTYANLGTAGVDSGTTGDTLFPDTLG
TVSNSSGQTQVYEVRCVTSTTGPGTGAIDQPVSYVTG
;
_entity_poly.pdbx_strand_id   B,C,D
#
loop_
_chem_comp.id
_chem_comp.type
_chem_comp.name
_chem_comp.formula
GOL non-polymer GLYCEROL 'C3 H8 O3'
IOD non-polymer 'IODIDE ION' 'I -1'
#
# COMPACT_ATOMS: atom_id res chain seq x y z
N GLY A 79 5.07 14.05 3.61
CA GLY A 79 4.07 13.86 4.65
C GLY A 79 3.41 12.49 4.62
N ASN A 80 2.97 12.03 5.79
CA ASN A 80 2.37 10.70 5.94
C ASN A 80 0.99 10.61 5.29
N PRO A 81 0.70 9.53 4.55
CA PRO A 81 -0.53 9.46 3.75
C PRO A 81 -1.74 8.99 4.54
N VAL A 82 -2.91 9.33 4.02
CA VAL A 82 -4.15 8.75 4.52
C VAL A 82 -4.23 7.31 4.03
N LEU A 83 -4.60 6.40 4.91
CA LEU A 83 -4.68 4.98 4.58
C LEU A 83 -6.14 4.50 4.56
N THR A 84 -6.44 3.55 3.67
CA THR A 84 -7.82 3.08 3.55
C THR A 84 -7.83 1.59 3.29
N GLU A 85 -8.69 0.87 4.01
CA GLU A 85 -8.91 -0.54 3.79
C GLU A 85 -10.41 -0.81 3.80
N LEU A 86 -10.80 -1.90 3.15
CA LEU A 86 -12.20 -2.28 3.07
C LEU A 86 -12.61 -3.09 4.29
N ILE A 87 -13.87 -2.96 4.66
CA ILE A 87 -14.51 -3.87 5.60
C ILE A 87 -15.35 -4.81 4.74
N THR A 88 -14.97 -6.09 4.74
CA THR A 88 -15.47 -7.06 3.76
C THR A 88 -16.47 -8.07 4.34
N GLY A 89 -16.79 -8.01 5.64
CA GLY A 89 -17.74 -8.95 6.21
C GLY A 89 -18.30 -8.49 7.54
N GLN A 90 -19.43 -9.11 7.93
CA GLN A 90 -20.07 -8.80 9.21
C GLN A 90 -19.29 -9.36 10.40
N ASN A 91 -18.51 -10.41 10.19
CA ASN A 91 -17.67 -11.02 11.23
C ASN A 91 -16.28 -11.19 10.63
N ALA A 92 -15.47 -10.13 10.69
CA ALA A 92 -14.22 -10.07 9.95
C ALA A 92 -13.26 -9.11 10.62
N THR A 93 -11.99 -9.23 10.23
CA THR A 93 -10.93 -8.32 10.63
C THR A 93 -10.30 -7.74 9.36
N SER A 94 -10.22 -6.42 9.30
CA SER A 94 -9.73 -5.74 8.11
C SER A 94 -8.20 -5.87 7.97
N ASN A 95 -7.71 -5.48 6.81
CA ASN A 95 -6.28 -5.30 6.62
C ASN A 95 -5.74 -4.27 7.59
N VAL A 96 -4.43 -4.33 7.86
CA VAL A 96 -3.83 -3.46 8.86
C VAL A 96 -3.41 -2.16 8.21
N LEU A 97 -3.68 -1.05 8.90
CA LEU A 97 -3.21 0.27 8.53
C LEU A 97 -1.97 0.57 9.38
N ARG A 98 -0.82 0.69 8.74
CA ARG A 98 0.46 0.74 9.41
C ARG A 98 1.17 2.07 9.17
N PHE A 99 1.67 2.70 10.24
CA PHE A 99 2.17 4.06 10.06
C PHE A 99 3.11 4.45 11.19
N THR A 100 4.11 5.28 10.85
CA THR A 100 4.90 5.91 11.91
C THR A 100 4.09 7.01 12.57
N LEU A 101 4.43 7.27 13.82
CA LEU A 101 3.85 8.36 14.58
C LEU A 101 4.98 8.92 15.44
N GLU A 102 5.17 10.24 15.33
CA GLU A 102 6.19 10.93 16.10
C GLU A 102 5.74 11.06 17.54
N ASN A 103 6.71 11.25 18.42
CA ASN A 103 6.41 11.42 19.83
C ASN A 103 5.55 12.65 20.05
N GLY A 104 4.45 12.47 20.76
CA GLY A 104 3.55 13.57 20.99
C GLY A 104 2.57 13.83 19.88
N ALA A 105 2.52 12.98 18.86
CA ALA A 105 1.54 13.16 17.79
C ALA A 105 0.35 12.23 18.01
N SER A 106 -0.77 12.59 17.40
CA SER A 106 -1.95 11.75 17.47
C SER A 106 -2.60 11.70 16.08
N ARG A 107 -3.36 10.65 15.84
CA ARG A 107 -3.93 10.40 14.53
C ARG A 107 -5.30 9.77 14.69
N GLN A 108 -6.30 10.32 13.98
CA GLN A 108 -7.68 9.88 14.14
C GLN A 108 -8.12 8.98 12.98
N PHE A 109 -8.85 7.92 13.32
CA PHE A 109 -9.38 6.97 12.35
C PHE A 109 -10.87 6.85 12.51
N THR A 110 -11.56 6.65 11.39
CA THR A 110 -12.99 6.38 11.38
C THR A 110 -13.24 5.08 10.63
N ALA A 111 -14.39 4.46 10.90
CA ALA A 111 -14.75 3.23 10.23
C ALA A 111 -16.26 3.12 10.16
N GLN A 112 -16.74 2.40 9.15
CA GLN A 112 -18.17 2.18 9.01
C GLN A 112 -18.40 0.96 8.14
N VAL A 113 -19.55 0.32 8.34
CA VAL A 113 -19.93 -0.90 7.62
C VAL A 113 -21.43 -0.91 7.40
N ARG A 114 -21.84 -1.22 6.17
CA ARG A 114 -23.26 -1.27 5.81
C ARG A 114 -23.61 -2.68 5.36
N ALA A 115 -24.56 -3.31 6.06
CA ALA A 115 -24.95 -4.68 5.79
C ALA A 115 -26.46 -4.79 5.73
N GLY A 116 -26.97 -5.39 4.64
CA GLY A 116 -28.39 -5.57 4.49
C GLY A 116 -28.84 -5.80 3.07
N PRO A 117 -30.10 -6.15 2.88
CA PRO A 117 -31.14 -6.38 3.90
C PRO A 117 -30.92 -7.60 4.76
N LEU A 118 -31.26 -7.52 6.04
CA LEU A 118 -31.07 -8.64 6.94
C LEU A 118 -32.04 -9.78 6.63
N THR A 119 -31.58 -11.01 6.87
CA THR A 119 -32.44 -12.17 6.81
C THR A 119 -33.17 -12.44 8.13
N GLY A 120 -32.86 -11.68 9.17
CA GLY A 120 -33.42 -11.93 10.49
C GLY A 120 -32.82 -10.96 11.49
N ASN A 121 -33.12 -11.21 12.77
CA ASN A 121 -32.61 -10.36 13.85
C ASN A 121 -31.08 -10.34 13.85
N CYS A 122 -30.51 -9.13 13.96
CA CYS A 122 -29.06 -9.02 13.94
C CYS A 122 -28.63 -7.77 14.66
N THR A 123 -27.59 -7.91 15.49
CA THR A 123 -26.93 -6.76 16.11
C THR A 123 -25.48 -6.73 15.63
N GLN A 124 -25.12 -5.66 14.94
CA GLN A 124 -23.83 -5.48 14.30
C GLN A 124 -22.99 -4.51 15.12
N THR A 125 -21.79 -4.94 15.49
CA THR A 125 -20.82 -4.16 16.24
C THR A 125 -19.59 -3.93 15.38
N ILE A 126 -19.05 -2.71 15.45
CA ILE A 126 -17.85 -2.34 14.72
C ILE A 126 -16.90 -1.67 15.71
N GLN A 127 -15.67 -2.17 15.78
CA GLN A 127 -14.72 -1.77 16.82
C GLN A 127 -13.34 -1.61 16.20
N LEU A 128 -12.75 -0.43 16.34
CA LEU A 128 -11.36 -0.21 15.96
C LEU A 128 -10.43 -0.75 17.06
N GLU A 129 -9.27 -1.27 16.65
CA GLU A 129 -8.24 -1.72 17.58
C GLU A 129 -6.91 -1.10 17.16
N SER A 130 -6.03 -0.89 18.15
CA SER A 130 -4.72 -0.36 17.81
C SER A 130 -3.66 -0.93 18.75
N ARG A 131 -2.40 -0.86 18.28
CA ARG A 131 -1.23 -1.27 19.06
C ARG A 131 0.03 -0.64 18.47
N VAL A 132 1.09 -0.60 19.29
CA VAL A 132 2.42 -0.43 18.72
C VAL A 132 2.75 -1.70 17.95
N ALA A 133 3.51 -1.56 16.87
CA ALA A 133 3.74 -2.70 15.99
C ALA A 133 4.32 -3.87 16.79
N GLY A 134 3.74 -5.05 16.61
CA GLY A 134 4.15 -6.24 17.31
C GLY A 134 3.65 -6.40 18.74
N GLY A 135 2.86 -5.45 19.25
CA GLY A 135 2.35 -5.52 20.60
C GLY A 135 1.00 -6.20 20.71
N THR A 136 0.19 -5.76 21.68
CA THR A 136 -1.14 -6.33 21.89
C THR A 136 -2.21 -5.31 21.50
N TYR A 137 -3.14 -5.75 20.65
CA TYR A 137 -4.24 -4.90 20.22
C TYR A 137 -5.15 -4.56 21.39
N ALA A 138 -5.64 -3.33 21.42
CA ALA A 138 -6.62 -2.95 22.41
C ALA A 138 -7.70 -2.10 21.75
N ASN A 139 -8.87 -2.10 22.38
CA ASN A 139 -9.98 -1.33 21.84
C ASN A 139 -9.55 0.12 21.70
N LEU A 140 -9.94 0.72 20.58
CA LEU A 140 -9.68 2.11 20.26
C LEU A 140 -11.03 2.73 19.95
N GLY A 141 -11.45 3.67 20.79
CA GLY A 141 -12.75 4.29 20.64
C GLY A 141 -13.89 3.41 21.11
N THR A 142 -15.08 4.01 21.18
CA THR A 142 -16.30 3.31 21.55
C THR A 142 -16.88 2.63 20.32
N ALA A 143 -17.16 1.34 20.43
CA ALA A 143 -17.70 0.62 19.29
C ALA A 143 -19.04 1.20 18.87
N GLY A 144 -19.29 1.19 17.57
CA GLY A 144 -20.61 1.50 17.04
C GLY A 144 -21.46 0.25 17.00
N VAL A 145 -22.76 0.42 17.29
CA VAL A 145 -23.69 -0.69 17.38
C VAL A 145 -24.97 -0.35 16.62
N ASP A 146 -25.53 -1.34 15.92
CA ASP A 146 -26.79 -1.14 15.23
C ASP A 146 -27.52 -2.48 15.12
N SER A 147 -28.82 -2.50 15.41
CA SER A 147 -29.58 -3.76 15.39
C SER A 147 -30.83 -3.56 14.54
N GLY A 148 -31.32 -4.67 13.99
CA GLY A 148 -32.48 -4.65 13.14
C GLY A 148 -33.00 -6.05 12.88
N THR A 149 -34.04 -6.12 12.05
CA THR A 149 -34.72 -7.37 11.77
C THR A 149 -34.80 -7.58 10.26
N THR A 150 -35.46 -8.65 9.85
CA THR A 150 -35.63 -8.98 8.44
C THR A 150 -36.03 -7.75 7.63
N GLY A 151 -35.28 -7.48 6.57
CA GLY A 151 -35.56 -6.32 5.74
C GLY A 151 -34.85 -5.04 6.12
N ASP A 152 -34.21 -4.96 7.31
CA ASP A 152 -33.47 -3.75 7.67
C ASP A 152 -32.07 -3.76 7.07
N THR A 153 -31.46 -2.59 6.99
CA THR A 153 -30.07 -2.46 6.61
C THR A 153 -29.33 -1.76 7.73
N LEU A 154 -28.33 -2.42 8.30
CA LEU A 154 -27.58 -1.84 9.40
C LEU A 154 -26.48 -0.94 8.86
N PHE A 155 -26.12 0.09 9.66
CA PHE A 155 -25.09 1.04 9.25
C PHE A 155 -24.35 1.69 10.43
N PRO A 156 -23.71 0.93 11.29
CA PRO A 156 -22.98 1.54 12.40
C PRO A 156 -21.66 2.15 11.93
N ASP A 157 -21.18 3.12 12.70
CA ASP A 157 -19.89 3.76 12.43
C ASP A 157 -19.16 3.99 13.76
N THR A 158 -17.88 4.30 13.69
CA THR A 158 -17.07 4.46 14.89
C THR A 158 -15.85 5.34 14.61
N LEU A 159 -15.24 5.80 15.71
CA LEU A 159 -14.19 6.80 15.80
C LEU A 159 -13.08 6.38 16.80
N GLY A 160 -11.86 6.82 16.54
CA GLY A 160 -10.80 6.53 17.50
C GLY A 160 -9.50 7.30 17.25
N THR A 161 -8.72 7.62 18.30
CA THR A 161 -7.52 8.43 18.12
C THR A 161 -6.32 7.73 18.75
N VAL A 162 -5.30 7.45 17.92
CA VAL A 162 -4.04 6.87 18.38
C VAL A 162 -3.10 8.00 18.82
N SER A 163 -2.39 7.80 19.94
CA SER A 163 -1.46 8.80 20.46
C SER A 163 -0.13 8.17 20.82
N ASN A 164 0.95 8.87 20.51
CA ASN A 164 2.29 8.44 20.83
C ASN A 164 2.88 9.40 21.86
N SER A 165 3.07 8.91 23.08
CA SER A 165 3.79 9.67 24.10
C SER A 165 4.90 8.82 24.72
N SER A 166 5.54 7.96 23.91
CA SER A 166 6.52 7.03 24.41
C SER A 166 7.89 7.66 24.55
N GLY A 167 8.10 8.82 23.93
CA GLY A 167 9.38 9.49 23.94
C GLY A 167 10.14 9.41 22.64
N GLN A 168 9.68 8.64 21.67
CA GLN A 168 10.38 8.47 20.40
C GLN A 168 9.39 8.13 19.31
N THR A 169 9.83 8.21 18.06
CA THR A 169 9.00 7.80 16.95
C THR A 169 8.78 6.30 16.99
N GLN A 170 7.54 5.86 16.72
CA GLN A 170 7.24 4.42 16.73
C GLN A 170 6.26 4.08 15.61
N VAL A 171 6.28 2.83 15.16
CA VAL A 171 5.33 2.36 14.15
C VAL A 171 4.13 1.78 14.88
N TYR A 172 2.94 2.18 14.46
CA TYR A 172 1.66 1.74 15.02
C TYR A 172 0.84 1.01 13.97
N GLU A 173 -0.07 0.18 14.46
CA GLU A 173 -0.97 -0.61 13.63
C GLU A 173 -2.41 -0.46 14.11
N VAL A 174 -3.30 -0.25 13.13
CA VAL A 174 -4.73 -0.04 13.37
C VAL A 174 -5.51 -1.03 12.51
N ARG A 175 -6.56 -1.61 13.08
CA ARG A 175 -7.42 -2.47 12.29
C ARG A 175 -8.84 -2.31 12.77
N CYS A 176 -9.79 -2.87 12.01
CA CYS A 176 -11.21 -2.76 12.33
C CYS A 176 -11.82 -4.15 12.38
N VAL A 177 -12.50 -4.46 13.49
CA VAL A 177 -13.11 -5.75 13.75
C VAL A 177 -14.62 -5.57 13.79
N THR A 178 -15.35 -6.38 13.02
CA THR A 178 -16.80 -6.39 13.05
C THR A 178 -17.31 -7.72 13.58
N SER A 179 -18.40 -7.67 14.33
CA SER A 179 -18.98 -8.91 14.83
C SER A 179 -20.49 -8.74 14.99
N THR A 180 -21.20 -9.85 14.96
CA THR A 180 -22.66 -9.82 15.07
C THR A 180 -23.14 -10.78 16.15
N THR A 181 -24.31 -10.48 16.68
CA THR A 181 -25.12 -11.45 17.41
C THR A 181 -26.44 -11.61 16.66
N GLY A 182 -27.08 -12.76 16.84
CA GLY A 182 -28.35 -13.03 16.20
C GLY A 182 -28.20 -13.94 15.00
N PRO A 183 -29.32 -14.48 14.52
CA PRO A 183 -29.26 -15.38 13.37
C PRO A 183 -29.18 -14.68 12.02
N GLY A 184 -29.55 -13.41 11.91
CA GLY A 184 -29.65 -12.78 10.60
C GLY A 184 -28.29 -12.39 10.05
N THR A 185 -28.22 -12.30 8.71
CA THR A 185 -27.02 -11.87 8.00
C THR A 185 -27.44 -10.84 6.97
N GLY A 186 -26.47 -10.01 6.56
CA GLY A 186 -26.73 -9.00 5.56
C GLY A 186 -25.57 -8.78 4.61
N ALA A 187 -25.88 -8.61 3.33
CA ALA A 187 -24.84 -8.40 2.34
C ALA A 187 -24.11 -7.09 2.61
N ILE A 188 -22.79 -7.11 2.45
CA ILE A 188 -21.97 -5.92 2.66
C ILE A 188 -22.13 -5.01 1.46
N ASP A 189 -22.41 -3.74 1.73
CA ASP A 189 -22.46 -2.68 0.73
C ASP A 189 -21.04 -2.12 0.63
N GLN A 190 -20.26 -2.69 -0.28
CA GLN A 190 -18.81 -2.47 -0.25
C GLN A 190 -18.35 -1.03 -0.46
N PRO A 191 -18.95 -0.22 -1.34
CA PRO A 191 -18.41 1.13 -1.55
C PRO A 191 -18.45 2.03 -0.31
N VAL A 192 -19.26 1.69 0.68
CA VAL A 192 -19.36 2.53 1.87
C VAL A 192 -18.92 1.79 3.11
N SER A 193 -18.28 0.63 2.97
CA SER A 193 -17.83 -0.17 4.11
C SER A 193 -16.29 -0.20 4.13
N TYR A 194 -15.71 0.62 5.00
CA TYR A 194 -14.27 0.78 5.00
C TYR A 194 -13.82 1.40 6.31
N VAL A 195 -12.51 1.40 6.49
CA VAL A 195 -11.83 2.08 7.59
C VAL A 195 -10.76 3.00 6.97
N THR A 196 -10.70 4.24 7.46
CA THR A 196 -9.80 5.22 6.87
C THR A 196 -9.26 6.18 7.92
N GLY A 197 -8.08 6.72 7.63
CA GLY A 197 -7.42 7.66 8.49
C GLY A 197 -5.95 7.81 8.17
N GLY B 79 -5.48 14.81 1.70
CA GLY B 79 -4.62 13.90 2.44
C GLY B 79 -4.45 12.56 1.75
N ASN B 80 -5.25 12.36 0.69
CA ASN B 80 -5.21 11.10 -0.06
C ASN B 80 -3.90 11.00 -0.81
N PRO B 81 -3.19 9.88 -0.74
CA PRO B 81 -1.89 9.80 -1.39
C PRO B 81 -1.99 9.48 -2.88
N VAL B 82 -0.90 9.80 -3.59
CA VAL B 82 -0.74 9.35 -4.95
C VAL B 82 -0.45 7.85 -4.93
N LEU B 83 -1.08 7.12 -5.83
CA LEU B 83 -0.90 5.67 -5.94
C LEU B 83 -0.20 5.33 -7.25
N THR B 84 0.65 4.31 -7.23
CA THR B 84 1.43 3.93 -8.40
C THR B 84 1.54 2.42 -8.47
N GLU B 85 1.27 1.84 -9.65
CA GLU B 85 1.46 0.41 -9.86
C GLU B 85 2.09 0.21 -11.23
N LEU B 86 2.75 -0.94 -11.37
CA LEU B 86 3.47 -1.25 -12.58
C LEU B 86 2.56 -1.84 -13.66
N ILE B 87 2.91 -1.57 -14.91
CA ILE B 87 2.38 -2.31 -16.06
C ILE B 87 3.47 -3.29 -16.47
N THR B 88 3.22 -4.58 -16.30
CA THR B 88 4.28 -5.58 -16.40
C THR B 88 4.23 -6.38 -17.69
N GLY B 89 3.24 -6.17 -18.55
CA GLY B 89 3.12 -6.95 -19.76
C GLY B 89 2.26 -6.26 -20.79
N GLN B 90 2.38 -6.75 -22.05
CA GLN B 90 1.57 -6.25 -23.16
C GLN B 90 0.13 -6.74 -23.11
N ASN B 91 -0.10 -7.90 -22.45
CA ASN B 91 -1.45 -8.46 -22.29
C ASN B 91 -1.63 -8.77 -20.81
N ALA B 92 -1.96 -7.74 -20.02
CA ALA B 92 -1.93 -7.86 -18.58
C ALA B 92 -2.89 -6.86 -17.94
N THR B 93 -3.19 -7.10 -16.66
CA THR B 93 -3.98 -6.21 -15.82
C THR B 93 -3.18 -5.84 -14.59
N SER B 94 -3.08 -4.54 -14.32
CA SER B 94 -2.28 -4.09 -13.19
C SER B 94 -2.94 -4.42 -11.84
N ASN B 95 -2.16 -4.23 -10.77
CA ASN B 95 -2.74 -4.23 -9.44
C ASN B 95 -3.76 -3.11 -9.31
N VAL B 96 -4.59 -3.20 -8.31
CA VAL B 96 -5.67 -2.25 -8.13
C VAL B 96 -5.20 -1.04 -7.33
N LEU B 97 -5.64 0.14 -7.74
CA LEU B 97 -5.46 1.40 -7.01
C LEU B 97 -6.76 1.74 -6.31
N ARG B 98 -6.73 1.75 -4.97
CA ARG B 98 -7.94 1.85 -4.15
C ARG B 98 -7.92 3.12 -3.33
N PHE B 99 -9.03 3.84 -3.34
CA PHE B 99 -9.01 5.16 -2.71
C PHE B 99 -10.42 5.62 -2.39
N THR B 100 -10.57 6.34 -1.28
CA THR B 100 -11.83 7.05 -1.04
C THR B 100 -11.93 8.28 -1.94
N LEU B 101 -13.17 8.68 -2.23
CA LEU B 101 -13.47 9.88 -3.00
C LEU B 101 -14.72 10.49 -2.41
N GLU B 102 -14.66 11.78 -2.12
CA GLU B 102 -15.78 12.49 -1.54
C GLU B 102 -16.84 12.78 -2.58
N ASN B 103 -18.05 13.00 -2.10
CA ASN B 103 -19.14 13.38 -2.98
C ASN B 103 -18.81 14.70 -3.66
N GLY B 104 -18.89 14.71 -4.98
CA GLY B 104 -18.55 15.89 -5.74
C GLY B 104 -17.09 16.04 -6.09
N ALA B 105 -16.24 15.08 -5.76
CA ALA B 105 -14.81 15.16 -6.03
C ALA B 105 -14.47 14.36 -7.28
N SER B 106 -13.30 14.64 -7.85
CA SER B 106 -12.80 13.96 -9.04
C SER B 106 -11.31 13.68 -8.89
N ARG B 107 -10.87 12.63 -9.58
CA ARG B 107 -9.48 12.25 -9.48
C ARG B 107 -9.02 11.68 -10.80
N GLN B 108 -7.89 12.18 -11.30
CA GLN B 108 -7.40 11.81 -12.61
C GLN B 108 -6.26 10.81 -12.49
N PHE B 109 -6.24 9.84 -13.40
CA PHE B 109 -5.19 8.83 -13.48
C PHE B 109 -4.61 8.84 -14.88
N THR B 110 -3.30 8.59 -14.96
CA THR B 110 -2.60 8.45 -16.24
C THR B 110 -1.90 7.11 -16.27
N ALA B 111 -1.63 6.62 -17.47
CA ALA B 111 -0.90 5.37 -17.59
C ALA B 111 -0.16 5.29 -18.91
N GLN B 112 0.95 4.55 -18.93
CA GLN B 112 1.61 4.36 -20.22
C GLN B 112 2.46 3.09 -20.17
N VAL B 113 2.71 2.54 -21.36
CA VAL B 113 3.46 1.30 -21.46
C VAL B 113 4.37 1.37 -22.69
N ARG B 114 5.63 0.96 -22.50
CA ARG B 114 6.64 1.02 -23.55
C ARG B 114 7.12 -0.39 -23.85
N ALA B 115 6.93 -0.84 -25.08
CA ALA B 115 7.29 -2.20 -25.47
C ALA B 115 8.04 -2.17 -26.79
N GLY B 116 9.12 -2.92 -26.89
CA GLY B 116 9.91 -2.97 -28.11
C GLY B 116 11.29 -3.52 -27.85
N PRO B 117 12.07 -3.76 -28.90
CA PRO B 117 11.73 -3.62 -30.33
C PRO B 117 10.77 -4.72 -30.75
N LEU B 118 9.83 -4.45 -31.63
CA LEU B 118 8.85 -5.46 -31.99
C LEU B 118 9.49 -6.54 -32.85
N THR B 119 9.02 -7.77 -32.65
CA THR B 119 9.36 -8.91 -33.47
C THR B 119 8.46 -9.06 -34.68
N GLY B 120 7.45 -8.21 -34.81
CA GLY B 120 6.48 -8.36 -35.87
C GLY B 120 5.44 -7.29 -35.71
N ASN B 121 4.39 -7.36 -36.53
CA ASN B 121 3.32 -6.37 -36.47
C ASN B 121 2.61 -6.40 -35.13
N CYS B 122 2.35 -5.22 -34.57
CA CYS B 122 1.69 -5.20 -33.26
C CYS B 122 0.91 -3.93 -33.05
N THR B 123 -0.31 -4.08 -32.51
CA THR B 123 -1.12 -2.96 -32.05
C THR B 123 -1.33 -3.11 -30.55
N GLN B 124 -0.81 -2.14 -29.80
CA GLN B 124 -0.85 -2.11 -28.34
C GLN B 124 -1.89 -1.10 -27.90
N THR B 125 -2.82 -1.56 -27.07
CA THR B 125 -3.87 -0.77 -26.47
C THR B 125 -3.67 -0.74 -24.95
N ILE B 126 -3.87 0.43 -24.36
CA ILE B 126 -3.76 0.60 -22.92
C ILE B 126 -5.04 1.29 -22.46
N GLN B 127 -5.75 0.69 -21.51
CA GLN B 127 -7.09 1.13 -21.15
C GLN B 127 -7.25 1.11 -19.64
N LEU B 128 -7.63 2.25 -19.08
CA LEU B 128 -7.98 2.30 -17.67
C LEU B 128 -9.40 1.75 -17.46
N GLU B 129 -9.60 1.11 -16.31
CA GLU B 129 -10.91 0.65 -15.88
C GLU B 129 -11.15 1.09 -14.45
N SER B 130 -12.42 1.36 -14.13
CA SER B 130 -12.74 1.77 -12.77
C SER B 130 -14.12 1.25 -12.36
N ARG B 131 -14.32 1.23 -11.04
CA ARG B 131 -15.61 0.82 -10.47
C ARG B 131 -15.71 1.33 -9.04
N VAL B 132 -16.95 1.39 -8.54
CA VAL B 132 -17.14 1.45 -7.10
C VAL B 132 -16.67 0.13 -6.51
N ALA B 133 -16.13 0.19 -5.29
CA ALA B 133 -15.54 -1.01 -4.69
C ALA B 133 -16.54 -2.15 -4.65
N GLY B 134 -16.11 -3.32 -5.16
CA GLY B 134 -16.91 -4.52 -5.25
C GLY B 134 -17.88 -4.58 -6.41
N GLY B 135 -17.91 -3.57 -7.27
CA GLY B 135 -18.83 -3.53 -8.39
C GLY B 135 -18.28 -4.15 -9.64
N THR B 136 -18.68 -3.59 -10.78
CA THR B 136 -18.26 -4.06 -12.08
C THR B 136 -17.35 -3.01 -12.74
N TYR B 137 -16.17 -3.46 -13.20
CA TYR B 137 -15.24 -2.57 -13.89
C TYR B 137 -15.80 -2.10 -15.22
N ALA B 138 -15.55 -0.84 -15.55
CA ALA B 138 -15.96 -0.30 -16.83
C ALA B 138 -14.83 0.57 -17.33
N ASN B 139 -14.82 0.79 -18.65
CA ASN B 139 -13.79 1.63 -19.26
C ASN B 139 -13.76 3.02 -18.64
N LEU B 140 -12.54 3.54 -18.43
CA LEU B 140 -12.30 4.86 -17.88
C LEU B 140 -11.39 5.62 -18.85
N GLY B 141 -11.93 6.64 -19.50
CA GLY B 141 -11.19 7.38 -20.48
C GLY B 141 -11.09 6.68 -21.84
N THR B 142 -10.53 7.40 -22.81
CA THR B 142 -10.27 6.83 -24.12
C THR B 142 -8.96 6.08 -24.10
N ALA B 143 -8.98 4.83 -24.54
CA ALA B 143 -7.76 4.02 -24.52
C ALA B 143 -6.69 4.65 -25.40
N GLY B 144 -5.44 4.44 -25.01
CA GLY B 144 -4.31 4.78 -25.85
C GLY B 144 -4.01 3.64 -26.81
N VAL B 145 -3.63 3.99 -28.03
CA VAL B 145 -3.33 3.02 -29.07
C VAL B 145 -2.04 3.41 -29.77
N ASP B 146 -1.22 2.40 -30.11
CA ASP B 146 0.00 2.60 -30.89
C ASP B 146 0.31 1.32 -31.65
N SER B 147 0.75 1.46 -32.90
CA SER B 147 1.02 0.28 -33.72
C SER B 147 2.37 0.42 -34.41
N GLY B 148 2.95 -0.72 -34.77
CA GLY B 148 4.26 -0.71 -35.41
C GLY B 148 4.63 -2.05 -36.03
N THR B 149 5.86 -2.06 -36.55
CA THR B 149 6.47 -3.12 -37.33
C THR B 149 7.78 -3.55 -36.66
N THR B 150 8.39 -4.63 -37.17
CA THR B 150 9.64 -5.16 -36.65
C THR B 150 10.63 -4.03 -36.39
N GLY B 151 11.23 -4.02 -35.21
CA GLY B 151 12.17 -3.00 -34.87
C GLY B 151 11.57 -1.79 -34.21
N ASP B 152 10.24 -1.65 -34.24
CA ASP B 152 9.63 -0.46 -33.67
C ASP B 152 9.50 -0.60 -32.16
N THR B 153 9.36 0.53 -31.50
CA THR B 153 9.06 0.58 -30.08
C THR B 153 7.76 1.33 -29.91
N LEU B 154 6.76 0.67 -29.36
CA LEU B 154 5.45 1.24 -29.09
C LEU B 154 5.42 1.90 -27.72
N PHE B 155 4.65 2.99 -27.61
CA PHE B 155 4.64 3.75 -26.37
C PHE B 155 3.32 4.49 -26.17
N PRO B 156 2.19 3.79 -26.06
CA PRO B 156 0.93 4.49 -25.82
C PRO B 156 0.74 4.90 -24.36
N ASP B 157 -0.11 5.92 -24.21
CA ASP B 157 -0.48 6.46 -22.90
C ASP B 157 -1.96 6.81 -22.90
N THR B 158 -2.50 7.04 -21.71
CA THR B 158 -3.92 7.33 -21.58
C THR B 158 -4.19 8.07 -20.28
N LEU B 159 -5.39 8.62 -20.21
CA LEU B 159 -5.88 9.44 -19.10
C LEU B 159 -7.31 9.03 -18.79
N GLY B 160 -7.73 9.22 -17.54
CA GLY B 160 -9.11 8.97 -17.17
C GLY B 160 -9.44 9.59 -15.84
N THR B 161 -10.69 10.02 -15.66
CA THR B 161 -11.06 10.73 -14.44
C THR B 161 -12.25 10.05 -13.78
N VAL B 162 -12.04 9.63 -12.51
CA VAL B 162 -13.10 9.09 -11.67
C VAL B 162 -13.83 10.22 -10.98
N SER B 163 -15.17 10.11 -10.91
CA SER B 163 -16.01 11.13 -10.32
C SER B 163 -17.05 10.54 -9.40
N ASN B 164 -17.28 11.18 -8.26
CA ASN B 164 -18.28 10.71 -7.32
C ASN B 164 -19.41 11.73 -7.24
N SER B 165 -20.57 11.35 -7.73
CA SER B 165 -21.79 12.13 -7.58
C SER B 165 -22.86 11.26 -6.95
N SER B 166 -22.45 10.40 -6.02
CA SER B 166 -23.39 9.48 -5.39
C SER B 166 -24.14 10.11 -4.23
N GLY B 167 -23.64 11.23 -3.70
CA GLY B 167 -24.22 11.77 -2.51
C GLY B 167 -23.43 11.52 -1.24
N GLN B 168 -22.36 10.70 -1.30
CA GLN B 168 -21.62 10.38 -0.09
C GLN B 168 -20.19 9.97 -0.47
N THR B 169 -19.31 9.91 0.52
CA THR B 169 -17.97 9.39 0.29
C THR B 169 -18.06 7.91 -0.05
N GLN B 170 -17.27 7.47 -1.04
CA GLN B 170 -17.23 6.07 -1.46
C GLN B 170 -15.81 5.67 -1.80
N VAL B 171 -15.53 4.38 -1.70
CA VAL B 171 -14.25 3.83 -2.12
C VAL B 171 -14.35 3.36 -3.55
N TYR B 172 -13.37 3.73 -4.36
CA TYR B 172 -13.29 3.39 -5.78
C TYR B 172 -12.02 2.56 -6.02
N GLU B 173 -12.09 1.79 -7.10
CA GLU B 173 -10.99 0.92 -7.53
C GLU B 173 -10.67 1.17 -9.01
N VAL B 174 -9.38 1.28 -9.31
CA VAL B 174 -8.91 1.56 -10.65
C VAL B 174 -7.84 0.54 -11.01
N ARG B 175 -7.86 0.06 -12.25
CA ARG B 175 -6.80 -0.82 -12.72
C ARG B 175 -6.55 -0.51 -14.20
N CYS B 176 -5.46 -1.04 -14.72
CA CYS B 176 -5.04 -0.77 -16.08
C CYS B 176 -4.87 -2.08 -16.82
N VAL B 177 -5.49 -2.16 -17.98
CA VAL B 177 -5.50 -3.35 -18.82
C VAL B 177 -4.74 -3.02 -20.10
N THR B 178 -3.75 -3.86 -20.44
CA THR B 178 -3.04 -3.75 -21.70
C THR B 178 -3.43 -4.95 -22.57
N SER B 179 -3.55 -4.71 -23.88
CA SER B 179 -3.81 -5.81 -24.80
C SER B 179 -3.23 -5.50 -26.19
N THR B 180 -2.91 -6.56 -26.92
CA THR B 180 -2.37 -6.39 -28.26
C THR B 180 -3.17 -7.22 -29.25
N THR B 181 -3.13 -6.79 -30.50
CA THR B 181 -3.46 -7.65 -31.61
C THR B 181 -2.22 -7.66 -32.50
N GLY B 182 -2.11 -8.72 -33.30
CA GLY B 182 -0.95 -8.90 -34.15
C GLY B 182 -0.02 -9.98 -33.64
N PRO B 183 0.87 -10.47 -34.49
CA PRO B 183 1.76 -11.55 -34.06
C PRO B 183 2.98 -11.07 -33.30
N GLY B 184 3.33 -9.80 -33.38
CA GLY B 184 4.57 -9.35 -32.78
C GLY B 184 4.49 -9.15 -31.28
N THR B 185 5.65 -9.22 -30.65
CA THR B 185 5.79 -8.95 -29.23
C THR B 185 6.98 -8.00 -29.03
N GLY B 186 6.98 -7.29 -27.91
CA GLY B 186 8.07 -6.39 -27.58
C GLY B 186 8.40 -6.37 -26.10
N ALA B 187 9.68 -6.33 -25.76
CA ALA B 187 10.06 -6.37 -24.35
C ALA B 187 9.53 -5.13 -23.62
N ILE B 188 9.07 -5.31 -22.40
CA ILE B 188 8.58 -4.17 -21.61
C ILE B 188 9.76 -3.39 -21.07
N ASP B 189 9.73 -2.07 -21.25
CA ASP B 189 10.66 -1.15 -20.61
C ASP B 189 10.04 -0.74 -19.28
N GLN B 190 10.35 -1.52 -18.24
CA GLN B 190 9.59 -1.43 -16.99
C GLN B 190 9.69 -0.09 -16.27
N PRO B 191 10.83 0.61 -16.24
CA PRO B 191 10.88 1.86 -15.45
C PRO B 191 9.91 2.94 -15.89
N VAL B 192 9.39 2.89 -17.11
CA VAL B 192 8.44 3.92 -17.56
C VAL B 192 7.08 3.33 -17.89
N SER B 193 6.84 2.07 -17.51
CA SER B 193 5.55 1.42 -17.79
C SER B 193 4.81 1.28 -16.46
N TYR B 194 3.84 2.16 -16.26
CA TYR B 194 3.13 2.18 -15.00
C TYR B 194 1.82 2.96 -15.16
N VAL B 195 1.01 2.88 -14.13
CA VAL B 195 -0.20 3.67 -13.99
C VAL B 195 -0.11 4.41 -12.66
N THR B 196 -0.47 5.69 -12.67
CA THR B 196 -0.32 6.48 -11.46
C THR B 196 -1.41 7.55 -11.35
N GLY B 197 -1.67 7.94 -10.12
CA GLY B 197 -2.66 8.96 -9.82
C GLY B 197 -3.11 8.99 -8.38
N GLY C 79 1.91 14.64 -5.18
CA GLY C 79 1.86 14.40 -3.75
C GLY C 79 2.28 12.99 -3.42
N ASN C 80 3.56 12.70 -3.65
CA ASN C 80 4.06 11.35 -3.40
C ASN C 80 4.07 11.13 -1.88
N PRO C 81 3.52 10.04 -1.39
CA PRO C 81 3.39 9.84 0.05
C PRO C 81 4.67 9.26 0.66
N VAL C 82 4.77 9.36 1.99
CA VAL C 82 5.85 8.70 2.72
C VAL C 82 5.56 7.21 2.83
N LEU C 83 6.57 6.36 2.60
CA LEU C 83 6.40 4.91 2.65
C LEU C 83 7.17 4.34 3.84
N THR C 84 6.55 3.35 4.50
CA THR C 84 7.03 2.73 5.73
C THR C 84 6.77 1.22 5.74
N GLU C 85 7.78 0.43 6.04
CA GLU C 85 7.58 -1.01 6.19
C GLU C 85 8.37 -1.53 7.38
N LEU C 86 7.90 -2.64 7.94
CA LEU C 86 8.54 -3.21 9.10
C LEU C 86 9.79 -3.99 8.70
N ILE C 87 10.76 -4.03 9.61
CA ILE C 87 11.87 -4.98 9.56
C ILE C 87 11.48 -6.08 10.52
N THR C 88 11.22 -7.29 10.03
CA THR C 88 10.61 -8.30 10.89
C THR C 88 11.58 -9.36 11.41
N GLY C 89 12.84 -9.33 11.00
CA GLY C 89 13.77 -10.36 11.42
C GLY C 89 15.20 -9.93 11.29
N GLN C 90 16.07 -10.67 11.98
CA GLN C 90 17.51 -10.43 11.90
C GLN C 90 18.07 -10.87 10.55
N ASN C 91 17.40 -11.84 9.89
CA ASN C 91 17.80 -12.35 8.57
C ASN C 91 16.53 -12.33 7.72
N ALA C 92 16.23 -11.16 7.14
CA ALA C 92 14.93 -10.99 6.50
C ALA C 92 15.05 -9.92 5.42
N THR C 93 14.07 -9.91 4.52
CA THR C 93 13.97 -8.91 3.46
C THR C 93 12.63 -8.19 3.59
N SER C 94 12.67 -6.87 3.64
CA SER C 94 11.45 -6.11 3.85
C SER C 94 10.57 -6.11 2.60
N ASN C 95 9.32 -5.68 2.78
CA ASN C 95 8.44 -5.39 1.67
C ASN C 95 9.06 -4.30 0.80
N VAL C 96 8.57 -4.19 -0.43
CA VAL C 96 9.13 -3.27 -1.41
C VAL C 96 8.43 -1.93 -1.27
N LEU C 97 9.21 -0.86 -1.28
CA LEU C 97 8.72 0.51 -1.31
C LEU C 97 8.84 1.00 -2.73
N ARG C 98 7.71 1.26 -3.38
CA ARG C 98 7.64 1.52 -4.81
C ARG C 98 7.12 2.94 -5.06
N PHE C 99 7.82 3.68 -5.93
CA PHE C 99 7.47 5.10 -6.07
C PHE C 99 7.99 5.66 -7.38
N THR C 100 7.22 6.59 -7.95
CA THR C 100 7.72 7.40 -9.06
C THR C 100 8.70 8.46 -8.55
N LEU C 101 9.66 8.79 -9.39
CA LEU C 101 10.62 9.85 -9.10
C LEU C 101 10.86 10.62 -10.38
N GLU C 102 10.70 11.94 -10.29
CA GLU C 102 10.89 12.79 -11.44
C GLU C 102 12.36 12.90 -11.78
N ASN C 103 12.62 13.24 -13.04
CA ASN C 103 13.97 13.47 -13.50
C ASN C 103 14.54 14.65 -12.72
N GLY C 104 15.75 14.48 -12.18
CA GLY C 104 16.40 15.51 -11.40
C GLY C 104 16.01 15.56 -9.93
N ALA C 105 15.20 14.63 -9.46
CA ALA C 105 14.78 14.53 -8.08
C ALA C 105 15.53 13.39 -7.36
N SER C 106 15.56 13.49 -6.02
CA SER C 106 16.14 12.44 -5.19
C SER C 106 15.27 12.24 -3.96
N ARG C 107 15.39 11.07 -3.36
CA ARG C 107 14.56 10.68 -2.23
C ARG C 107 15.38 9.88 -1.23
N GLN C 108 15.31 10.25 0.03
CA GLN C 108 16.14 9.64 1.05
C GLN C 108 15.35 8.64 1.89
N PHE C 109 15.99 7.50 2.19
CA PHE C 109 15.40 6.46 3.01
C PHE C 109 16.32 6.19 4.19
N THR C 110 15.72 5.92 5.34
CA THR C 110 16.43 5.50 6.54
C THR C 110 15.84 4.20 7.04
N ALA C 111 16.65 3.45 7.79
CA ALA C 111 16.16 2.20 8.36
C ALA C 111 16.95 1.89 9.63
N GLN C 112 16.31 1.14 10.52
CA GLN C 112 17.00 0.69 11.72
C GLN C 112 16.29 -0.54 12.25
N VAL C 113 17.03 -1.38 12.99
CA VAL C 113 16.52 -2.62 13.57
C VAL C 113 17.16 -2.81 14.95
N ARG C 114 16.35 -3.17 15.94
CA ARG C 114 16.82 -3.31 17.32
C ARG C 114 16.57 -4.74 17.78
N ALA C 115 17.64 -5.45 18.14
CA ALA C 115 17.56 -6.87 18.48
C ALA C 115 18.31 -7.14 19.78
N GLY C 116 17.66 -7.83 20.70
CA GLY C 116 18.30 -8.14 21.96
C GLY C 116 17.34 -8.47 23.07
N PRO C 117 17.87 -8.90 24.25
CA PRO C 117 19.30 -9.12 24.56
C PRO C 117 19.79 -10.33 23.79
N LEU C 118 21.06 -10.33 23.34
CA LEU C 118 21.57 -11.41 22.54
C LEU C 118 21.78 -12.66 23.39
N THR C 119 21.59 -13.82 22.77
CA THR C 119 21.91 -15.07 23.44
C THR C 119 23.37 -15.46 23.30
N GLY C 120 24.15 -14.70 22.54
CA GLY C 120 25.53 -15.06 22.26
C GLY C 120 26.12 -14.05 21.30
N ASN C 121 27.33 -14.33 20.81
CA ASN C 121 28.00 -13.44 19.89
C ASN C 121 27.15 -13.20 18.63
N CYS C 122 27.00 -11.94 18.24
CA CYS C 122 26.17 -11.62 17.09
C CYS C 122 26.60 -10.32 16.43
N THR C 123 26.66 -10.33 15.10
CA THR C 123 26.88 -9.12 14.33
C THR C 123 25.71 -8.93 13.38
N GLN C 124 24.99 -7.83 13.54
CA GLN C 124 23.82 -7.49 12.76
C GLN C 124 24.15 -6.44 11.71
N THR C 125 23.82 -6.74 10.45
CA THR C 125 24.00 -5.84 9.31
C THR C 125 22.64 -5.45 8.75
N ILE C 126 22.48 -4.17 8.41
CA ILE C 126 21.24 -3.67 7.83
C ILE C 126 21.58 -2.88 6.56
N GLN C 127 20.99 -3.28 5.44
CA GLN C 127 21.41 -2.80 4.13
C GLN C 127 20.21 -2.45 3.30
N LEU C 128 20.11 -1.19 2.87
CA LEU C 128 19.09 -0.82 1.92
C LEU C 128 19.54 -1.21 0.53
N GLU C 129 18.57 -1.59 -0.31
CA GLU C 129 18.80 -1.91 -1.71
C GLU C 129 17.78 -1.16 -2.54
N SER C 130 18.18 -0.83 -3.77
CA SER C 130 17.30 -0.10 -4.67
C SER C 130 17.58 -0.49 -6.11
N ARG C 131 16.60 -0.20 -6.96
CA ARG C 131 16.70 -0.39 -8.41
C ARG C 131 15.61 0.42 -9.10
N VAL C 132 15.83 0.64 -10.40
CA VAL C 132 14.70 0.96 -11.27
C VAL C 132 13.84 -0.29 -11.39
N ALA C 133 12.54 -0.08 -11.60
CA ALA C 133 11.60 -1.18 -11.64
C ALA C 133 12.03 -2.20 -12.69
N GLY C 134 12.07 -3.48 -12.29
CA GLY C 134 12.50 -4.51 -13.19
C GLY C 134 13.99 -4.63 -13.38
N GLY C 135 14.78 -3.83 -12.67
CA GLY C 135 16.21 -3.89 -12.79
C GLY C 135 16.80 -4.88 -11.84
N THR C 136 18.04 -4.63 -11.45
CA THR C 136 18.76 -5.50 -10.52
C THR C 136 18.97 -4.73 -9.24
N TYR C 137 18.60 -5.32 -8.12
CA TYR C 137 18.80 -4.63 -6.86
C TYR C 137 20.29 -4.40 -6.60
N ALA C 138 20.62 -3.22 -6.10
CA ALA C 138 21.99 -2.92 -5.73
C ALA C 138 22.01 -2.17 -4.40
N ASN C 139 23.15 -2.25 -3.73
CA ASN C 139 23.33 -1.60 -2.45
C ASN C 139 23.01 -0.12 -2.58
N LEU C 140 22.31 0.42 -1.60
CA LEU C 140 21.96 1.83 -1.56
C LEU C 140 22.45 2.34 -0.21
N GLY C 141 23.49 3.16 -0.23
CA GLY C 141 24.12 3.63 0.99
C GLY C 141 24.98 2.55 1.64
N THR C 142 25.77 2.99 2.62
CA THR C 142 26.63 2.08 3.37
C THR C 142 25.83 1.41 4.48
N ALA C 143 25.88 0.08 4.54
CA ALA C 143 25.09 -0.67 5.53
C ALA C 143 25.53 -0.31 6.94
N GLY C 144 24.57 -0.37 7.87
CA GLY C 144 24.86 -0.26 9.30
C GLY C 144 25.25 -1.64 9.83
N VAL C 145 26.23 -1.66 10.72
CA VAL C 145 26.75 -2.92 11.26
C VAL C 145 26.96 -2.74 12.76
N ASP C 146 26.68 -3.78 13.52
CA ASP C 146 26.84 -3.71 14.97
C ASP C 146 27.11 -5.09 15.56
N SER C 147 28.10 -5.17 16.44
CA SER C 147 28.49 -6.45 17.02
C SER C 147 28.29 -6.38 18.54
N GLY C 148 28.00 -7.54 19.13
CA GLY C 148 27.85 -7.64 20.57
C GLY C 148 27.84 -9.08 21.01
N THR C 149 27.72 -9.27 22.32
CA THR C 149 27.71 -10.60 22.89
C THR C 149 26.54 -10.72 23.86
N THR C 150 26.46 -11.88 24.51
CA THR C 150 25.37 -12.23 25.43
C THR C 150 24.95 -11.05 26.29
N GLY C 151 23.66 -10.77 26.32
CA GLY C 151 23.12 -9.67 27.10
C GLY C 151 23.05 -8.35 26.39
N ASP C 152 23.75 -8.19 25.26
CA ASP C 152 23.73 -6.91 24.54
C ASP C 152 22.49 -6.78 23.64
N THR C 153 22.18 -5.53 23.32
CA THR C 153 21.15 -5.19 22.36
C THR C 153 21.81 -4.43 21.21
N LEU C 154 21.69 -4.97 20.00
CA LEU C 154 22.23 -4.33 18.82
C LEU C 154 21.25 -3.34 18.26
N PHE C 155 21.77 -2.28 17.64
CA PHE C 155 20.85 -1.29 17.11
C PHE C 155 21.46 -0.53 15.94
N PRO C 156 21.81 -1.20 14.86
CA PRO C 156 22.36 -0.46 13.71
C PRO C 156 21.27 0.26 12.96
N ASP C 157 21.70 1.30 12.24
CA ASP C 157 20.82 2.07 11.38
C ASP C 157 21.58 2.41 10.10
N THR C 158 20.84 2.82 9.07
CA THR C 158 21.44 3.09 7.78
C THR C 158 20.60 4.11 7.01
N LEU C 159 21.24 4.73 6.03
CA LEU C 159 20.65 5.80 5.26
C LEU C 159 21.09 5.65 3.81
N GLY C 160 20.23 6.05 2.87
CA GLY C 160 20.62 6.01 1.47
C GLY C 160 19.67 6.80 0.60
N THR C 161 20.14 7.38 -0.51
CA THR C 161 19.30 8.27 -1.31
C THR C 161 19.25 7.88 -2.78
N VAL C 162 18.04 7.62 -3.25
CA VAL C 162 17.79 7.31 -4.65
C VAL C 162 17.75 8.60 -5.46
N SER C 163 18.31 8.56 -6.66
CA SER C 163 18.38 9.74 -7.52
C SER C 163 18.03 9.38 -8.95
N ASN C 164 17.29 10.27 -9.64
CA ASN C 164 16.90 10.08 -11.03
C ASN C 164 17.48 11.17 -11.91
N SER C 165 18.41 10.81 -12.79
CA SER C 165 18.94 11.74 -13.79
C SER C 165 18.86 11.11 -15.18
N SER C 166 17.80 10.36 -15.43
CA SER C 166 17.63 9.61 -16.66
C SER C 166 17.02 10.43 -17.80
N GLY C 167 16.43 11.60 -17.50
CA GLY C 167 15.74 12.41 -18.47
C GLY C 167 14.23 12.36 -18.38
N GLN C 168 13.66 11.44 -17.60
CA GLN C 168 12.21 11.35 -17.49
C GLN C 168 11.86 10.71 -16.15
N THR C 169 10.57 10.76 -15.83
CA THR C 169 10.05 10.12 -14.63
C THR C 169 10.18 8.60 -14.71
N GLN C 170 10.58 7.97 -13.60
CA GLN C 170 10.70 6.51 -13.58
C GLN C 170 10.23 5.97 -12.23
N VAL C 171 9.84 4.71 -12.22
CA VAL C 171 9.44 4.04 -10.99
C VAL C 171 10.66 3.31 -10.42
N TYR C 172 10.89 3.49 -9.13
CA TYR C 172 11.97 2.88 -8.39
C TYR C 172 11.41 1.97 -7.30
N GLU C 173 12.22 1.01 -6.91
CA GLU C 173 11.87 0.05 -5.87
C GLU C 173 13.02 0.01 -4.86
N VAL C 174 12.65 0.05 -3.58
CA VAL C 174 13.60 0.04 -2.48
C VAL C 174 13.18 -1.04 -1.50
N ARG C 175 14.15 -1.78 -0.97
CA ARG C 175 13.85 -2.73 0.10
C ARG C 175 15.00 -2.72 1.09
N CYS C 176 14.80 -3.37 2.24
CA CYS C 176 15.80 -3.42 3.31
C CYS C 176 16.09 -4.84 3.73
N VAL C 177 17.37 -5.23 3.67
CA VAL C 177 17.84 -6.59 3.96
C VAL C 177 18.68 -6.58 5.24
N THR C 178 18.34 -7.47 6.18
CA THR C 178 19.11 -7.64 7.41
C THR C 178 19.76 -9.01 7.40
N SER C 179 20.97 -9.09 7.94
CA SER C 179 21.63 -10.38 8.04
C SER C 179 22.56 -10.38 9.24
N THR C 180 22.85 -11.56 9.75
CA THR C 180 23.71 -11.69 10.91
C THR C 180 24.81 -12.68 10.64
N THR C 181 25.90 -12.52 11.38
CA THR C 181 26.85 -13.59 11.57
C THR C 181 26.95 -13.87 13.06
N GLY C 182 27.38 -15.07 13.41
CA GLY C 182 27.55 -15.47 14.78
C GLY C 182 26.49 -16.45 15.25
N PRO C 183 26.75 -17.10 16.38
CA PRO C 183 25.82 -18.10 16.89
C PRO C 183 24.64 -17.51 17.64
N GLY C 184 24.72 -16.27 18.09
CA GLY C 184 23.68 -15.68 18.90
C GLY C 184 22.54 -15.05 18.10
N THR C 185 21.39 -14.93 18.75
CA THR C 185 20.22 -14.24 18.20
C THR C 185 19.63 -13.30 19.26
N GLY C 186 18.83 -12.33 18.80
CA GLY C 186 18.15 -11.42 19.70
C GLY C 186 16.76 -11.04 19.21
N ALA C 187 15.78 -10.94 20.13
CA ALA C 187 14.41 -10.60 19.76
C ALA C 187 14.30 -9.18 19.18
N ILE C 188 13.45 -9.05 18.15
CA ILE C 188 13.26 -7.77 17.47
C ILE C 188 12.36 -6.90 18.34
N ASP C 189 12.79 -5.66 18.56
CA ASP C 189 11.96 -4.62 19.19
C ASP C 189 11.15 -3.95 18.08
N GLN C 190 9.95 -4.47 17.82
CA GLN C 190 9.25 -4.15 16.58
C GLN C 190 8.87 -2.68 16.40
N PRO C 191 8.43 -1.94 17.43
CA PRO C 191 7.99 -0.56 17.18
C PRO C 191 9.07 0.37 16.65
N VAL C 192 10.35 0.04 16.78
CA VAL C 192 11.42 0.90 16.31
C VAL C 192 12.26 0.25 15.24
N SER C 193 11.80 -0.88 14.67
CA SER C 193 12.55 -1.58 13.62
C SER C 193 11.79 -1.46 12.32
N TYR C 194 12.23 -0.55 11.45
CA TYR C 194 11.48 -0.30 10.22
C TYR C 194 12.37 0.47 9.25
N VAL C 195 11.84 0.62 8.03
CA VAL C 195 12.42 1.41 6.95
C VAL C 195 11.38 2.40 6.48
N THR C 196 11.81 3.64 6.26
CA THR C 196 10.89 4.69 5.88
C THR C 196 11.59 5.76 5.05
N GLY C 197 10.80 6.44 4.22
CA GLY C 197 11.31 7.52 3.38
C GLY C 197 10.39 7.98 2.25
I IOD D . -1.85 2.17 20.91
C1 GOL E . -34.11 -10.90 2.94
O1 GOL E . -34.55 -12.17 3.29
C2 GOL E . -35.38 -10.03 2.96
O2 GOL E . -35.12 -8.75 2.50
C3 GOL E . -36.34 -10.83 2.04
O3 GOL E . -37.30 -9.95 1.60
C1 GOL F . -19.65 -12.42 6.11
O1 GOL F . -20.14 -11.16 6.52
C2 GOL F . -19.58 -13.36 7.34
O2 GOL F . -20.45 -12.98 8.35
C3 GOL F . -18.16 -13.21 7.79
O3 GOL F . -18.04 -11.87 8.11
I IOD G . -16.58 4.46 -11.44
I IOD H . -5.13 -11.25 -33.26
C1 GOL I . 3.60 -9.73 -22.76
O1 GOL I . 4.51 -8.92 -22.04
C2 GOL I . 2.71 -10.53 -21.78
O2 GOL I . 1.77 -9.72 -21.13
C3 GOL I . 2.03 -11.50 -22.72
O3 GOL I . 1.63 -10.71 -23.81
C1 GOL J . -9.84 -8.89 -19.42
O1 GOL J . -8.72 -8.48 -20.09
C2 GOL J . -9.98 -8.03 -18.22
O2 GOL J . -8.83 -8.03 -17.35
C3 GOL J . -10.38 -6.66 -18.82
O3 GOL J . -11.77 -6.71 -19.00
C1 GOL K . -22.13 8.18 -8.72
O1 GOL K . -21.39 9.25 -9.27
C2 GOL K . -21.24 6.88 -8.82
O2 GOL K . -19.90 7.19 -8.81
C3 GOL K . -21.62 5.97 -7.60
O3 GOL K . -22.99 5.71 -7.62
C1 GOL L . -5.01 8.31 -28.25
O1 GOL L . -6.08 7.40 -28.53
C2 GOL L . -3.72 7.78 -28.98
O2 GOL L . -3.32 6.55 -28.45
C3 GOL L . -4.12 7.72 -30.51
O3 GOL L . -3.00 7.24 -31.24
I IOD M . 18.61 2.89 -8.33
#